data_3IC3
#
_entry.id   3IC3
#
_cell.length_a   64.700
_cell.length_b   64.995
_cell.length_c   116.890
_cell.angle_alpha   90.00
_cell.angle_beta   90.00
_cell.angle_gamma   90.00
#
_symmetry.space_group_name_H-M   'P 21 21 21'
#
loop_
_entity.id
_entity.type
_entity.pdbx_description
1 polymer 'putative pyruvate dehydrogenase'
2 non-polymer 1,2-ETHANEDIOL
3 non-polymer beta-D-glucopyranose
4 non-polymer 'POTASSIUM ION'
5 non-polymer 'PHOSPHATE ION'
6 non-polymer 'SODIUM ION'
7 water water
#
_entity_poly.entity_id   1
_entity_poly.type   'polypeptide(L)'
_entity_poly.pdbx_seq_one_letter_code
;SNA(MSE)TGPKQQPLPPDVEGREDAIEVLRAFVLDGGLSIAF(MSE)RAFEDPE(MSE)WGLLLVDIARHAARSYARES
EYTEDEALERIVE(MSE)FEAELSRPTDTGATTERTQ
;
_entity_poly.pdbx_strand_id   A,B,C,D
#
# COMPACT_ATOMS: atom_id res chain seq x y z
N ASN A 2 -7.01 15.30 31.25
CA ASN A 2 -8.19 15.97 30.64
C ASN A 2 -9.26 14.94 30.22
N ALA A 3 -10.34 15.40 29.60
CA ALA A 3 -11.48 14.53 29.30
C ALA A 3 -11.37 13.82 27.94
N THR A 5 -10.49 11.26 25.09
CA THR A 5 -10.26 9.82 25.06
C THR A 5 -9.42 9.36 23.87
N GLY A 6 -9.13 10.29 22.96
CA GLY A 6 -8.31 10.00 21.79
C GLY A 6 -6.92 10.57 21.90
N PRO A 7 -6.15 10.46 20.81
CA PRO A 7 -4.81 11.05 20.75
C PRO A 7 -4.85 12.57 20.80
N LYS A 8 -3.67 13.17 20.98
N LYS A 8 -3.70 13.21 21.04
N LYS A 8 -3.68 13.18 21.03
CA LYS A 8 -3.54 14.61 20.98
CA LYS A 8 -3.66 14.68 21.01
CA LYS A 8 -3.56 14.62 20.96
C LYS A 8 -3.51 15.10 19.53
C LYS A 8 -3.54 15.14 19.57
C LYS A 8 -3.52 15.01 19.48
N GLN A 9 -4.70 15.30 18.94
CA GLN A 9 -4.82 15.67 17.53
C GLN A 9 -4.52 17.13 17.28
N GLN A 10 -4.23 17.44 16.03
CA GLN A 10 -4.12 18.81 15.57
C GLN A 10 -5.48 19.23 15.02
N PRO A 11 -5.90 20.46 15.31
CA PRO A 11 -7.11 20.99 14.68
C PRO A 11 -6.86 21.32 13.20
N LEU A 12 -7.94 21.37 12.41
CA LEU A 12 -7.81 21.87 11.04
C LEU A 12 -7.18 23.27 11.04
N PRO A 13 -6.24 23.54 10.11
CA PRO A 13 -5.81 24.93 10.00
C PRO A 13 -6.98 25.88 9.72
N PRO A 14 -6.97 27.08 10.30
CA PRO A 14 -8.11 27.96 10.06
C PRO A 14 -8.42 28.22 8.58
N ASP A 15 -7.42 28.28 7.70
CA ASP A 15 -7.67 28.56 6.27
C ASP A 15 -8.28 27.38 5.51
N VAL A 16 -8.27 26.21 6.13
CA VAL A 16 -8.84 25.02 5.55
C VAL A 16 -10.30 24.84 5.95
N GLU A 17 -10.69 25.41 7.10
CA GLU A 17 -12.05 25.21 7.62
C GLU A 17 -13.10 25.67 6.62
N GLY A 18 -14.10 24.82 6.36
CA GLY A 18 -15.16 25.14 5.40
C GLY A 18 -14.79 25.05 3.92
N ARG A 19 -13.58 24.65 3.60
CA ARG A 19 -13.13 24.63 2.21
C ARG A 19 -13.28 23.25 1.58
N GLU A 20 -14.32 23.08 0.76
N GLU A 20 -14.29 23.09 0.73
CA GLU A 20 -14.57 21.84 0.01
CA GLU A 20 -14.54 21.82 0.04
C GLU A 20 -13.36 21.39 -0.83
C GLU A 20 -13.42 21.40 -0.90
N ASP A 21 -12.60 22.35 -1.33
CA ASP A 21 -11.47 22.07 -2.21
C ASP A 21 -10.16 21.74 -1.50
N ALA A 22 -10.13 21.85 -0.17
CA ALA A 22 -8.98 21.46 0.62
C ALA A 22 -8.94 19.93 0.75
N ILE A 23 -7.77 19.36 0.46
CA ILE A 23 -7.56 17.93 0.58
C ILE A 23 -6.42 17.62 1.54
N GLU A 24 -6.68 16.78 2.52
CA GLU A 24 -5.63 16.38 3.45
C GLU A 24 -4.65 15.40 2.81
N VAL A 25 -3.40 15.83 2.69
CA VAL A 25 -2.32 15.07 2.10
C VAL A 25 -1.82 14.00 3.06
N LEU A 26 -1.66 14.39 4.31
CA LEU A 26 -1.12 13.49 5.31
C LEU A 26 -1.41 13.92 6.71
N ARG A 27 -1.51 12.91 7.58
CA ARG A 27 -1.54 13.07 9.04
C ARG A 27 -0.47 12.16 9.61
N ALA A 28 0.35 12.65 10.52
CA ALA A 28 1.40 11.85 11.11
C ALA A 28 1.33 11.92 12.62
N PHE A 29 1.44 10.77 13.27
CA PHE A 29 1.41 10.64 14.70
C PHE A 29 2.64 9.96 15.25
N VAL A 30 3.12 10.41 16.40
N VAL A 30 3.11 10.43 16.39
CA VAL A 30 4.18 9.68 17.10
CA VAL A 30 4.12 9.72 17.18
C VAL A 30 3.55 8.83 18.21
C VAL A 30 3.40 8.76 18.12
N LEU A 31 3.88 7.53 18.17
CA LEU A 31 3.23 6.45 18.92
C LEU A 31 4.35 5.43 19.20
N ASP A 32 4.52 4.98 20.43
CA ASP A 32 5.38 3.82 20.75
C ASP A 32 6.78 3.89 20.14
N GLY A 33 7.41 5.06 20.23
CA GLY A 33 8.79 5.22 19.75
C GLY A 33 8.92 5.22 18.22
N GLY A 34 7.80 5.44 17.53
CA GLY A 34 7.79 5.41 16.06
C GLY A 34 6.74 6.33 15.50
N LEU A 35 6.41 6.16 14.22
CA LEU A 35 5.44 7.01 13.54
C LEU A 35 4.34 6.17 12.88
N SER A 36 3.13 6.70 12.90
CA SER A 36 2.02 6.15 12.18
C SER A 36 1.50 7.25 11.30
N ILE A 37 1.49 7.00 10.00
CA ILE A 37 1.14 8.07 9.03
C ILE A 37 -0.04 7.67 8.14
N ALA A 38 -0.93 8.62 7.84
CA ALA A 38 -2.06 8.42 6.93
C ALA A 38 -1.78 9.29 5.70
N PHE A 39 -1.71 8.70 4.51
CA PHE A 39 -1.57 9.45 3.27
C PHE A 39 -2.83 9.42 2.40
N ARG A 41 -4.62 9.23 -1.28
CA ARG A 41 -4.41 8.40 -2.47
C ARG A 41 -3.70 9.16 -3.61
N ALA A 42 -4.08 10.42 -3.85
CA ALA A 42 -3.55 11.20 -4.99
C ALA A 42 -2.06 11.61 -4.86
N PHE A 43 -1.39 11.68 -6.02
CA PHE A 43 0.02 12.15 -6.09
C PHE A 43 0.09 13.67 -6.33
N GLU A 44 -0.81 14.15 -7.17
CA GLU A 44 -0.77 15.53 -7.68
C GLU A 44 0.46 15.79 -8.55
N ASP A 45 1.58 16.21 -7.95
CA ASP A 45 2.79 16.51 -8.72
C ASP A 45 4.02 16.47 -7.80
N PRO A 46 5.20 16.23 -8.40
CA PRO A 46 6.39 16.07 -7.58
C PRO A 46 6.74 17.33 -6.83
N GLU A 47 6.41 18.49 -7.41
CA GLU A 47 6.77 19.75 -6.74
C GLU A 47 6.06 19.92 -5.41
N TRP A 49 5.26 17.60 -3.28
CA TRP A 49 5.96 16.78 -2.27
C TRP A 49 7.27 17.45 -1.87
N GLY A 50 7.92 18.10 -2.83
CA GLY A 50 9.14 18.85 -2.58
C GLY A 50 8.90 20.01 -1.63
N LEU A 51 7.80 20.73 -1.87
N LEU A 51 7.80 20.72 -1.86
CA LEU A 51 7.37 21.81 -0.98
CA LEU A 51 7.40 21.82 -0.99
C LEU A 51 7.09 21.32 0.43
C LEU A 51 7.06 21.34 0.42
N LEU A 52 6.37 20.20 0.54
CA LEU A 52 6.05 19.62 1.82
C LEU A 52 7.31 19.26 2.63
N LEU A 53 8.26 18.62 1.95
CA LEU A 53 9.53 18.24 2.60
C LEU A 53 10.29 19.47 3.09
N VAL A 54 10.40 20.47 2.23
CA VAL A 54 11.11 21.71 2.57
C VAL A 54 10.45 22.41 3.74
N ASP A 55 9.13 22.50 3.71
CA ASP A 55 8.38 23.16 4.77
C ASP A 55 8.57 22.48 6.10
N ILE A 56 8.48 21.15 6.12
CA ILE A 56 8.66 20.37 7.33
C ILE A 56 10.13 20.51 7.84
N ALA A 57 11.10 20.40 6.95
CA ALA A 57 12.50 20.49 7.35
C ALA A 57 12.82 21.85 7.95
N ARG A 58 12.33 22.89 7.31
N ARG A 58 12.32 22.90 7.31
CA ARG A 58 12.64 24.24 7.77
CA ARG A 58 12.61 24.27 7.73
C ARG A 58 11.93 24.51 9.08
C ARG A 58 11.89 24.60 9.03
N HIS A 59 10.67 24.10 9.18
CA HIS A 59 9.93 24.23 10.42
C HIS A 59 10.65 23.50 11.54
N ALA A 60 11.09 22.26 11.30
CA ALA A 60 11.82 21.49 12.29
C ALA A 60 13.11 22.17 12.72
N ALA A 61 13.84 22.71 11.77
CA ALA A 61 15.11 23.39 12.05
C ALA A 61 14.89 24.61 12.96
N ARG A 62 13.85 25.38 12.66
CA ARG A 62 13.50 26.56 13.46
C ARG A 62 13.21 26.15 14.90
N SER A 63 12.38 25.13 15.06
CA SER A 63 12.03 24.63 16.38
C SER A 63 13.22 24.02 17.11
N TYR A 64 14.08 23.32 16.38
CA TYR A 64 15.27 22.72 16.97
C TYR A 64 16.22 23.81 17.48
N ALA A 65 16.38 24.86 16.67
CA ALA A 65 17.26 25.98 17.03
C ALA A 65 16.74 26.71 18.28
N ARG A 66 15.43 26.82 18.42
N ARG A 66 15.43 26.78 18.46
CA ARG A 66 14.79 27.34 19.63
CA ARG A 66 14.86 27.40 19.66
C ARG A 66 15.24 26.55 20.84
C ARG A 66 15.04 26.56 20.92
N GLU A 67 15.12 25.23 20.75
CA GLU A 67 15.29 24.33 21.90
C GLU A 67 16.73 23.82 22.06
N SER A 68 17.71 24.52 21.50
CA SER A 68 19.09 24.04 21.53
C SER A 68 20.11 25.14 21.33
N GLU A 69 21.38 24.73 21.35
CA GLU A 69 22.48 25.66 21.16
C GLU A 69 22.77 25.95 19.69
N TYR A 70 22.11 25.23 18.77
CA TYR A 70 22.34 25.44 17.35
C TYR A 70 21.68 26.69 16.79
N THR A 71 22.31 27.27 15.77
CA THR A 71 21.64 28.23 14.91
C THR A 71 20.65 27.48 14.03
N GLU A 72 19.75 28.21 13.38
CA GLU A 72 18.84 27.59 12.44
C GLU A 72 19.56 26.86 11.31
N ASP A 73 20.64 27.45 10.80
CA ASP A 73 21.46 26.80 9.75
C ASP A 73 22.06 25.49 10.24
N GLU A 74 22.67 25.52 11.42
CA GLU A 74 23.26 24.33 12.04
C GLU A 74 22.19 23.27 12.32
N ALA A 75 21.05 23.71 12.85
CA ALA A 75 19.94 22.77 13.11
C ALA A 75 19.47 22.09 11.82
N LEU A 76 19.35 22.87 10.75
CA LEU A 76 18.92 22.29 9.49
C LEU A 76 19.96 21.29 8.98
N GLU A 77 21.24 21.64 9.06
CA GLU A 77 22.29 20.68 8.67
C GLU A 77 22.19 19.35 9.43
N ARG A 78 21.98 19.43 10.75
CA ARG A 78 21.84 18.27 11.59
C ARG A 78 20.64 17.41 11.20
N ILE A 79 19.52 18.05 10.97
CA ILE A 79 18.31 17.35 10.51
C ILE A 79 18.54 16.63 9.17
N VAL A 80 19.18 17.31 8.22
CA VAL A 80 19.51 16.71 6.93
C VAL A 80 20.46 15.52 7.10
N GLU A 81 21.46 15.63 7.99
CA GLU A 81 22.33 14.49 8.32
C GLU A 81 21.56 13.28 8.85
N PHE A 83 18.30 12.68 8.42
CA PHE A 83 17.51 12.27 7.24
C PHE A 83 18.33 11.35 6.34
N GLU A 84 19.55 11.77 6.02
CA GLU A 84 20.39 10.97 5.13
C GLU A 84 20.78 9.62 5.73
N ALA A 85 21.12 9.61 7.02
CA ALA A 85 21.46 8.37 7.70
C ALA A 85 20.29 7.39 7.63
N GLU A 86 19.09 7.90 7.92
CA GLU A 86 17.90 7.04 7.88
C GLU A 86 17.51 6.60 6.46
N LEU A 87 17.68 7.50 5.49
CA LEU A 87 17.38 7.18 4.10
C LEU A 87 18.22 6.01 3.61
N SER A 88 19.45 5.91 4.12
N SER A 88 19.45 5.91 4.12
CA SER A 88 20.38 4.86 3.77
CA SER A 88 20.39 4.85 3.75
C SER A 88 19.95 3.45 4.20
C SER A 88 20.07 3.46 4.32
N ARG A 89 19.05 3.35 5.18
CA ARG A 89 18.61 2.05 5.69
C ARG A 89 17.99 1.20 4.58
N PRO A 90 18.43 -0.06 4.44
CA PRO A 90 17.78 -0.94 3.46
C PRO A 90 16.30 -1.14 3.78
N THR A 91 15.45 -1.25 2.74
CA THR A 91 14.02 -1.45 2.93
C THR A 91 13.64 -2.89 2.56
N ASP A 92 14.33 -3.85 3.16
CA ASP A 92 14.13 -5.27 2.85
C ASP A 92 12.91 -5.86 3.58
N THR A 93 12.59 -5.31 4.76
CA THR A 93 11.79 -6.03 5.76
C THR A 93 10.39 -5.45 5.98
N THR A 96 3.49 -5.51 2.95
CA THR A 96 2.26 -4.71 2.81
C THR A 96 0.99 -5.53 2.97
N THR A 97 -0.07 -4.85 3.43
CA THR A 97 -1.37 -5.47 3.52
C THR A 97 -2.37 -4.52 2.89
N GLU A 98 -3.50 -5.06 2.52
CA GLU A 98 -4.57 -4.28 1.95
C GLU A 98 -5.88 -4.69 2.54
N ARG A 99 -6.80 -3.73 2.59
CA ARG A 99 -8.16 -4.02 3.03
C ARG A 99 -9.13 -3.45 1.98
N THR A 100 -10.05 -4.27 1.48
CA THR A 100 -11.00 -3.83 0.45
C THR A 100 -12.40 -4.38 0.71
N GLN A 101 -13.42 -3.58 0.39
CA GLN A 101 -14.83 -3.99 0.63
C GLN A 101 -15.71 -3.57 -0.54
N ALA B 3 17.59 -19.08 8.59
CA ALA B 3 17.41 -20.28 9.49
C ALA B 3 16.04 -20.95 9.26
N THR B 5 13.26 -23.34 7.72
CA THR B 5 13.26 -24.67 7.10
C THR B 5 12.08 -24.84 6.12
N GLY B 6 11.23 -23.82 5.98
CA GLY B 6 10.12 -23.88 5.05
C GLY B 6 10.16 -22.73 4.06
N PRO B 7 9.06 -22.54 3.34
CA PRO B 7 8.95 -21.45 2.39
C PRO B 7 8.94 -20.07 3.04
N LYS B 8 9.17 -19.05 2.22
N LYS B 8 9.22 -19.05 2.24
CA LYS B 8 9.11 -17.66 2.68
CA LYS B 8 9.09 -17.68 2.71
C LYS B 8 7.65 -17.20 2.74
C LYS B 8 7.62 -17.32 2.72
N GLN B 9 7.01 -17.39 3.89
CA GLN B 9 5.58 -17.17 4.06
C GLN B 9 5.28 -15.71 4.36
N GLN B 10 4.04 -15.33 4.10
CA GLN B 10 3.52 -14.05 4.56
C GLN B 10 2.86 -14.22 5.94
N PRO B 11 2.98 -13.21 6.79
CA PRO B 11 2.35 -13.22 8.11
C PRO B 11 0.88 -12.91 7.93
N LEU B 12 0.06 -13.23 8.93
CA LEU B 12 -1.34 -12.80 8.93
C LEU B 12 -1.44 -11.28 8.86
N PRO B 13 -2.38 -10.75 8.07
CA PRO B 13 -2.66 -9.31 8.16
C PRO B 13 -3.04 -8.92 9.58
N PRO B 14 -2.60 -7.73 10.03
CA PRO B 14 -2.87 -7.36 11.43
C PRO B 14 -4.36 -7.35 11.81
N ASP B 15 -5.24 -7.06 10.88
CA ASP B 15 -6.66 -6.99 11.20
C ASP B 15 -7.35 -8.38 11.29
N VAL B 16 -6.62 -9.42 10.90
CA VAL B 16 -7.08 -10.79 10.96
C VAL B 16 -6.67 -11.49 12.27
N GLU B 17 -5.59 -11.01 12.88
CA GLU B 17 -5.10 -11.57 14.14
C GLU B 17 -6.19 -11.62 15.21
N GLY B 18 -6.35 -12.80 15.83
CA GLY B 18 -7.35 -13.01 16.85
C GLY B 18 -8.79 -13.00 16.43
N ARG B 19 -9.07 -13.00 15.12
CA ARG B 19 -10.44 -12.94 14.62
C ARG B 19 -10.91 -14.33 14.23
N GLU B 20 -11.75 -14.91 15.08
N GLU B 20 -11.75 -14.92 15.08
CA GLU B 20 -12.26 -16.25 14.85
CA GLU B 20 -12.26 -16.26 14.85
C GLU B 20 -13.14 -16.34 13.61
C GLU B 20 -13.14 -16.34 13.61
N ASP B 21 -13.72 -15.20 13.21
CA ASP B 21 -14.61 -15.15 12.05
C ASP B 21 -13.88 -14.88 10.72
N ALA B 22 -12.58 -14.62 10.76
CA ALA B 22 -11.80 -14.47 9.53
C ALA B 22 -11.51 -15.85 8.92
N ILE B 23 -11.70 -15.96 7.60
CA ILE B 23 -11.50 -17.23 6.90
C ILE B 23 -10.53 -17.01 5.75
N GLU B 24 -9.48 -17.83 5.69
CA GLU B 24 -8.51 -17.70 4.63
C GLU B 24 -9.09 -18.30 3.34
N VAL B 25 -9.14 -17.47 2.30
CA VAL B 25 -9.69 -17.79 0.98
C VAL B 25 -8.65 -18.53 0.18
N LEU B 26 -7.43 -18.00 0.19
CA LEU B 26 -6.34 -18.60 -0.54
C LEU B 26 -4.96 -18.17 -0.07
N ARG B 27 -4.00 -19.03 -0.40
CA ARG B 27 -2.56 -18.80 -0.20
C ARG B 27 -1.90 -19.20 -1.48
N ALA B 28 -1.11 -18.31 -2.07
CA ALA B 28 -0.49 -18.58 -3.35
C ALA B 28 1.01 -18.49 -3.26
N PHE B 29 1.70 -19.51 -3.78
CA PHE B 29 3.13 -19.59 -3.75
C PHE B 29 3.75 -19.70 -5.13
N VAL B 30 4.92 -19.07 -5.32
N VAL B 30 4.91 -19.08 -5.32
CA VAL B 30 5.75 -19.27 -6.51
CA VAL B 30 5.69 -19.30 -6.54
C VAL B 30 6.73 -20.37 -6.17
C VAL B 30 6.79 -20.31 -6.24
N LEU B 31 6.85 -21.34 -7.08
CA LEU B 31 7.62 -22.55 -6.82
C LEU B 31 8.01 -23.07 -8.21
N ASP B 32 9.29 -23.29 -8.46
CA ASP B 32 9.73 -23.95 -9.70
C ASP B 32 9.22 -23.31 -11.00
N GLY B 33 9.15 -21.99 -11.08
CA GLY B 33 8.67 -21.38 -12.33
C GLY B 33 7.15 -21.44 -12.53
N GLY B 34 6.39 -21.76 -11.49
CA GLY B 34 4.93 -21.79 -11.61
C GLY B 34 4.33 -21.41 -10.27
N LEU B 35 3.03 -21.63 -10.15
CA LEU B 35 2.32 -21.27 -8.92
C LEU B 35 1.72 -22.50 -8.28
N SER B 36 1.66 -22.49 -6.97
CA SER B 36 0.95 -23.52 -6.21
C SER B 36 0.03 -22.79 -5.25
N ILE B 37 -1.28 -23.08 -5.33
CA ILE B 37 -2.30 -22.30 -4.59
C ILE B 37 -3.20 -23.22 -3.77
N ALA B 38 -3.41 -22.87 -2.52
CA ALA B 38 -4.37 -23.53 -1.65
C ALA B 38 -5.60 -22.67 -1.59
N PHE B 39 -6.75 -23.24 -1.95
CA PHE B 39 -8.02 -22.51 -1.85
C PHE B 39 -8.90 -23.13 -0.78
N ARG B 41 -12.57 -24.36 0.82
CA ARG B 41 -13.68 -25.16 0.24
C ARG B 41 -14.89 -24.33 -0.24
N ALA B 42 -15.22 -23.26 0.48
CA ALA B 42 -16.42 -22.42 0.21
C ALA B 42 -16.35 -21.49 -0.99
N PHE B 43 -17.50 -21.22 -1.59
CA PHE B 43 -17.56 -20.32 -2.75
C PHE B 43 -17.95 -18.90 -2.32
N GLU B 44 -18.88 -18.82 -1.38
CA GLU B 44 -19.48 -17.57 -0.95
C GLU B 44 -20.26 -16.89 -2.07
N ASP B 45 -19.59 -16.12 -2.92
CA ASP B 45 -20.28 -15.45 -4.01
C ASP B 45 -19.29 -14.94 -5.05
N PRO B 46 -19.76 -14.81 -6.31
CA PRO B 46 -18.87 -14.30 -7.34
C PRO B 46 -18.32 -12.89 -7.06
N GLU B 47 -19.09 -12.06 -6.36
CA GLU B 47 -18.68 -10.70 -6.10
C GLU B 47 -17.39 -10.65 -5.26
N TRP B 49 -14.95 -12.89 -5.27
CA TRP B 49 -13.84 -13.25 -6.16
C TRP B 49 -13.49 -12.10 -7.04
N GLY B 50 -14.50 -11.37 -7.51
CA GLY B 50 -14.30 -10.18 -8.33
C GLY B 50 -13.51 -9.13 -7.58
N LEU B 51 -13.85 -8.90 -6.31
CA LEU B 51 -13.11 -7.96 -5.44
C LEU B 51 -11.63 -8.35 -5.34
N LEU B 52 -11.39 -9.64 -5.15
CA LEU B 52 -10.03 -10.17 -4.99
C LEU B 52 -9.23 -9.97 -6.28
N LEU B 53 -9.84 -10.31 -7.41
CA LEU B 53 -9.18 -10.12 -8.71
C LEU B 53 -8.81 -8.67 -8.93
N VAL B 54 -9.76 -7.78 -8.69
CA VAL B 54 -9.50 -6.35 -8.88
C VAL B 54 -8.37 -5.86 -7.99
N ASP B 55 -8.37 -6.29 -6.73
N ASP B 55 -8.39 -6.27 -6.72
CA ASP B 55 -7.36 -5.85 -5.81
CA ASP B 55 -7.34 -5.86 -5.79
C ASP B 55 -5.96 -6.34 -6.17
C ASP B 55 -5.97 -6.32 -6.24
N ILE B 56 -5.88 -7.59 -6.62
CA ILE B 56 -4.62 -8.16 -7.07
C ILE B 56 -4.10 -7.44 -8.32
N ALA B 57 -4.98 -7.21 -9.30
CA ALA B 57 -4.60 -6.59 -10.55
C ALA B 57 -4.07 -5.18 -10.31
N ARG B 58 -4.73 -4.44 -9.45
CA ARG B 58 -4.31 -3.07 -9.16
C ARG B 58 -2.99 -3.03 -8.39
N HIS B 59 -2.84 -3.94 -7.44
CA HIS B 59 -1.57 -4.10 -6.73
C HIS B 59 -0.41 -4.38 -7.70
N ALA B 60 -0.64 -5.34 -8.60
CA ALA B 60 0.34 -5.73 -9.57
C ALA B 60 0.71 -4.55 -10.47
N ALA B 61 -0.26 -3.77 -10.85
CA ALA B 61 -0.05 -2.62 -11.71
C ALA B 61 0.79 -1.56 -11.01
N ARG B 62 0.50 -1.31 -9.74
CA ARG B 62 1.29 -0.33 -9.00
C ARG B 62 2.73 -0.81 -8.83
N SER B 63 2.92 -2.09 -8.51
N SER B 63 2.89 -2.08 -8.51
CA SER B 63 4.27 -2.62 -8.34
CA SER B 63 4.20 -2.69 -8.34
C SER B 63 5.07 -2.61 -9.65
C SER B 63 5.04 -2.61 -9.63
N TYR B 64 4.39 -2.92 -10.75
CA TYR B 64 5.03 -2.98 -12.05
C TYR B 64 5.48 -1.55 -12.42
N ALA B 65 4.59 -0.58 -12.20
CA ALA B 65 4.93 0.83 -12.44
C ALA B 65 6.16 1.28 -11.65
N ARG B 66 6.28 0.82 -10.41
CA ARG B 66 7.42 1.18 -9.59
C ARG B 66 8.74 0.56 -10.07
N GLU B 67 8.67 -0.46 -10.92
CA GLU B 67 9.87 -1.17 -11.41
C GLU B 67 10.09 -1.00 -12.90
N SER B 68 9.42 -0.05 -13.51
CA SER B 68 9.45 0.06 -14.97
C SER B 68 9.20 1.48 -15.45
N GLU B 69 9.25 1.67 -16.77
CA GLU B 69 8.90 2.92 -17.43
C GLU B 69 7.41 3.18 -17.57
N TYR B 70 6.57 2.21 -17.22
CA TYR B 70 5.13 2.35 -17.29
C TYR B 70 4.54 3.12 -16.13
N THR B 71 3.49 3.90 -16.41
CA THR B 71 2.61 4.41 -15.36
C THR B 71 1.75 3.26 -14.85
N GLU B 72 1.07 3.47 -13.73
CA GLU B 72 0.18 2.44 -13.22
C GLU B 72 -0.90 2.06 -14.23
N ASP B 73 -1.46 3.05 -14.93
CA ASP B 73 -2.49 2.78 -15.93
C ASP B 73 -1.96 1.92 -17.09
N GLU B 74 -0.76 2.25 -17.57
CA GLU B 74 -0.14 1.50 -18.66
C GLU B 74 0.22 0.10 -18.21
N ALA B 75 0.72 -0.01 -16.98
CA ALA B 75 1.06 -1.29 -16.38
C ALA B 75 -0.18 -2.19 -16.24
N LEU B 76 -1.30 -1.62 -15.81
CA LEU B 76 -2.56 -2.34 -15.70
C LEU B 76 -2.99 -2.89 -17.05
N GLU B 77 -2.91 -2.07 -18.10
N GLU B 77 -2.90 -2.06 -18.09
CA GLU B 77 -3.25 -2.53 -19.45
CA GLU B 77 -3.24 -2.50 -19.44
C GLU B 77 -2.41 -3.74 -19.85
C GLU B 77 -2.41 -3.72 -19.85
N ARG B 78 -1.11 -3.68 -19.58
CA ARG B 78 -0.21 -4.77 -19.92
C ARG B 78 -0.52 -6.06 -19.12
N ILE B 79 -0.81 -5.90 -17.83
CA ILE B 79 -1.21 -7.05 -16.99
C ILE B 79 -2.51 -7.69 -17.50
N VAL B 80 -3.49 -6.88 -17.88
CA VAL B 80 -4.73 -7.42 -18.42
C VAL B 80 -4.48 -8.13 -19.75
N GLU B 81 -3.59 -7.58 -20.59
CA GLU B 81 -3.22 -8.25 -21.84
C GLU B 81 -2.64 -9.65 -21.55
N PHE B 83 -3.05 -11.46 -18.73
CA PHE B 83 -4.16 -12.23 -18.19
C PHE B 83 -5.00 -12.82 -19.33
N GLU B 84 -5.39 -12.00 -20.30
CA GLU B 84 -6.20 -12.50 -21.41
C GLU B 84 -5.47 -13.56 -22.23
N ALA B 85 -4.17 -13.40 -22.47
CA ALA B 85 -3.41 -14.43 -23.21
C ALA B 85 -3.42 -15.76 -22.44
N GLU B 86 -3.19 -15.70 -21.13
CA GLU B 86 -3.13 -16.93 -20.33
C GLU B 86 -4.52 -17.56 -20.17
N LEU B 87 -5.56 -16.78 -20.27
CA LEU B 87 -6.89 -17.30 -20.17
C LEU B 87 -7.17 -18.26 -21.33
N SER B 88 -6.52 -18.02 -22.49
CA SER B 88 -6.68 -18.86 -23.69
C SER B 88 -6.20 -20.26 -23.50
N ARG B 89 -5.33 -20.51 -22.52
CA ARG B 89 -4.76 -21.84 -22.37
C ARG B 89 -5.80 -22.83 -21.83
N PRO B 90 -6.04 -23.95 -22.55
CA PRO B 90 -7.00 -24.89 -21.96
C PRO B 90 -6.48 -25.49 -20.65
N THR B 91 -7.40 -25.89 -19.79
CA THR B 91 -7.04 -26.50 -18.52
C THR B 91 -6.83 -27.99 -18.69
N ALA B 95 -7.86 -32.68 -20.41
CA ALA B 95 -7.51 -33.90 -19.71
C ALA B 95 -6.44 -34.71 -20.43
N THR B 96 -6.04 -34.28 -21.63
CA THR B 96 -5.01 -35.00 -22.40
C THR B 96 -3.95 -34.04 -22.91
N THR B 97 -2.69 -34.44 -22.72
CA THR B 97 -1.57 -33.79 -23.33
C THR B 97 -0.93 -34.85 -24.22
N GLU B 98 -0.59 -34.50 -25.45
CA GLU B 98 0.11 -35.42 -26.31
C GLU B 98 1.24 -34.77 -27.04
N ARG B 99 2.28 -35.57 -27.28
CA ARG B 99 3.54 -35.07 -27.83
C ARG B 99 3.92 -35.99 -28.95
N THR B 100 4.19 -35.42 -30.13
CA THR B 100 4.55 -36.22 -31.29
C THR B 100 5.91 -35.79 -31.77
N GLN B 101 6.72 -36.78 -32.11
CA GLN B 101 8.07 -36.60 -32.58
C GLN B 101 8.53 -37.95 -33.10
N THR C 5 -9.82 -20.36 18.69
CA THR C 5 -10.11 -18.92 18.89
C THR C 5 -9.56 -17.95 17.82
N GLY C 6 -8.83 -18.45 16.81
CA GLY C 6 -8.17 -17.60 15.84
C GLY C 6 -8.74 -17.79 14.43
N PRO C 7 -8.15 -17.13 13.43
CA PRO C 7 -8.64 -17.27 12.04
C PRO C 7 -8.50 -18.68 11.47
N LYS C 8 -9.40 -19.06 10.56
CA LYS C 8 -9.36 -20.35 9.89
C LYS C 8 -8.39 -20.24 8.72
N GLN C 9 -7.17 -20.70 8.95
CA GLN C 9 -6.09 -20.57 7.98
C GLN C 9 -6.05 -21.73 7.01
N GLN C 10 -5.53 -21.51 5.82
CA GLN C 10 -5.26 -22.57 4.88
C GLN C 10 -3.91 -23.18 5.20
N PRO C 11 -3.79 -24.48 4.96
CA PRO C 11 -2.46 -25.07 5.07
C PRO C 11 -1.52 -24.70 3.91
N LEU C 12 -0.24 -25.00 4.08
CA LEU C 12 0.68 -24.97 2.95
C LEU C 12 0.26 -26.02 1.91
N PRO C 13 0.23 -25.63 0.64
CA PRO C 13 0.11 -26.70 -0.36
C PRO C 13 1.16 -27.79 -0.11
N PRO C 14 0.82 -29.07 -0.30
CA PRO C 14 1.80 -30.14 -0.04
C PRO C 14 3.12 -29.98 -0.77
N ASP C 15 3.09 -29.45 -2.00
CA ASP C 15 4.32 -29.29 -2.76
C ASP C 15 5.22 -28.14 -2.32
N VAL C 16 4.77 -27.27 -1.40
CA VAL C 16 5.66 -26.21 -0.91
C VAL C 16 6.23 -26.51 0.48
N GLU C 17 5.65 -27.49 1.18
CA GLU C 17 6.20 -27.90 2.48
C GLU C 17 7.68 -28.19 2.39
N GLY C 18 8.44 -27.60 3.29
CA GLY C 18 9.88 -27.79 3.37
C GLY C 18 10.68 -27.21 2.22
N ARG C 19 10.05 -26.40 1.36
CA ARG C 19 10.74 -25.86 0.19
C ARG C 19 11.19 -24.45 0.50
N GLU C 20 12.47 -24.28 0.88
CA GLU C 20 12.97 -22.98 1.30
C GLU C 20 13.00 -21.95 0.17
N ASP C 21 12.97 -22.45 -1.06
CA ASP C 21 13.00 -21.61 -2.25
C ASP C 21 11.60 -21.12 -2.69
N ALA C 22 10.54 -21.69 -2.11
CA ALA C 22 9.18 -21.27 -2.42
C ALA C 22 8.88 -19.94 -1.72
N ILE C 23 8.09 -19.11 -2.38
CA ILE C 23 7.81 -17.76 -1.87
C ILE C 23 6.32 -17.55 -1.91
N GLU C 24 5.75 -17.17 -0.78
CA GLU C 24 4.35 -16.83 -0.74
C GLU C 24 4.11 -15.44 -1.35
N VAL C 25 3.31 -15.42 -2.41
CA VAL C 25 2.95 -14.20 -3.12
C VAL C 25 1.89 -13.40 -2.35
N LEU C 26 0.86 -14.10 -1.86
CA LEU C 26 -0.19 -13.48 -1.10
C LEU C 26 -1.02 -14.46 -0.32
N ARG C 27 -1.72 -13.93 0.68
CA ARG C 27 -2.68 -14.65 1.51
C ARG C 27 -3.84 -13.74 1.60
N ALA C 28 -5.05 -14.23 1.40
CA ALA C 28 -6.22 -13.39 1.47
C ALA C 28 -7.25 -14.01 2.40
N PHE C 29 -7.87 -13.17 3.23
CA PHE C 29 -8.92 -13.56 4.18
C PHE C 29 -10.20 -12.80 3.92
N VAL C 30 -11.34 -13.48 4.09
CA VAL C 30 -12.63 -12.81 4.12
C VAL C 30 -13.00 -12.58 5.58
N LEU C 31 -13.36 -11.34 5.88
CA LEU C 31 -13.69 -10.87 7.24
C LEU C 31 -14.60 -9.66 7.09
N ASP C 32 -15.71 -9.63 7.83
CA ASP C 32 -16.59 -8.43 7.88
C ASP C 32 -17.06 -7.96 6.51
N GLY C 33 -17.43 -8.91 5.64
CA GLY C 33 -17.89 -8.58 4.31
C GLY C 33 -16.89 -8.00 3.33
N GLY C 34 -15.59 -8.13 3.61
CA GLY C 34 -14.56 -7.62 2.72
C GLY C 34 -13.36 -8.52 2.80
N LEU C 35 -12.24 -8.06 2.22
CA LEU C 35 -11.06 -8.88 2.11
C LEU C 35 -9.90 -8.18 2.76
N SER C 36 -9.09 -8.96 3.49
N SER C 36 -9.08 -8.96 3.47
CA SER C 36 -7.85 -8.50 4.07
CA SER C 36 -7.83 -8.50 4.06
C SER C 36 -6.77 -9.37 3.40
C SER C 36 -6.71 -9.37 3.49
N ILE C 37 -5.77 -8.73 2.82
CA ILE C 37 -4.77 -9.41 2.00
C ILE C 37 -3.36 -9.05 2.40
N ALA C 38 -2.49 -10.04 2.50
CA ALA C 38 -1.06 -9.80 2.70
C ALA C 38 -0.36 -10.09 1.40
N PHE C 39 0.49 -9.17 0.93
CA PHE C 39 1.23 -9.32 -0.31
C PHE C 39 2.71 -9.30 0.02
N ARG C 41 6.60 -8.35 -0.74
CA ARG C 41 7.24 -7.12 -1.15
C ARG C 41 7.68 -7.14 -2.63
N ALA C 42 8.21 -8.26 -3.09
CA ALA C 42 8.80 -8.38 -4.44
C ALA C 42 7.74 -8.37 -5.55
N PHE C 43 8.14 -7.92 -6.74
CA PHE C 43 7.22 -7.90 -7.89
C PHE C 43 7.41 -9.13 -8.83
N GLU C 44 8.67 -9.48 -9.10
CA GLU C 44 9.02 -10.68 -9.91
C GLU C 44 8.85 -10.38 -11.42
N ASP C 45 7.65 -10.55 -11.94
CA ASP C 45 7.45 -10.40 -13.37
C ASP C 45 5.99 -10.21 -13.52
N PRO C 46 5.58 -9.35 -14.46
CA PRO C 46 4.14 -9.23 -14.64
C PRO C 46 3.45 -10.49 -15.05
N GLU C 47 4.13 -11.40 -15.75
CA GLU C 47 3.47 -12.60 -16.25
C GLU C 47 2.96 -13.46 -15.08
N TRP C 49 1.78 -12.45 -12.24
CA TRP C 49 0.51 -11.86 -11.80
C TRP C 49 -0.66 -12.16 -12.75
N GLY C 50 -0.40 -12.13 -14.06
CA GLY C 50 -1.41 -12.51 -15.06
C GLY C 50 -1.85 -13.95 -14.83
N LEU C 51 -0.90 -14.84 -14.57
CA LEU C 51 -1.19 -16.24 -14.34
C LEU C 51 -1.98 -16.46 -13.04
N LEU C 52 -1.59 -15.76 -11.97
CA LEU C 52 -2.28 -15.85 -10.73
C LEU C 52 -3.74 -15.41 -10.91
N LEU C 53 -3.94 -14.33 -11.64
CA LEU C 53 -5.30 -13.83 -11.90
C LEU C 53 -6.14 -14.86 -12.67
N VAL C 54 -5.55 -15.50 -13.67
CA VAL C 54 -6.26 -16.56 -14.41
C VAL C 54 -6.60 -17.72 -13.49
N ASP C 55 -5.64 -18.15 -12.66
CA ASP C 55 -5.87 -19.29 -11.78
C ASP C 55 -7.06 -19.02 -10.83
N ILE C 56 -7.10 -17.82 -10.27
CA ILE C 56 -8.16 -17.42 -9.37
C ILE C 56 -9.50 -17.34 -10.12
N ALA C 57 -9.49 -16.67 -11.27
CA ALA C 57 -10.72 -16.52 -12.06
C ALA C 57 -11.29 -17.89 -12.47
N ARG C 58 -10.43 -18.81 -12.90
CA ARG C 58 -10.90 -20.12 -13.30
C ARG C 58 -11.41 -20.94 -12.12
N HIS C 59 -10.73 -20.83 -10.98
CA HIS C 59 -11.22 -21.50 -9.75
C HIS C 59 -12.61 -20.96 -9.39
N ALA C 60 -12.71 -19.63 -9.41
CA ALA C 60 -13.99 -18.99 -9.09
C ALA C 60 -15.09 -19.42 -10.02
N ALA C 61 -14.79 -19.47 -11.31
CA ALA C 61 -15.74 -19.88 -12.37
C ALA C 61 -16.25 -21.31 -12.17
N ARG C 62 -15.34 -22.22 -11.84
CA ARG C 62 -15.71 -23.60 -11.61
C ARG C 62 -16.63 -23.72 -10.41
N SER C 63 -16.31 -23.00 -9.34
CA SER C 63 -17.18 -23.00 -8.15
C SER C 63 -18.53 -22.35 -8.41
N TYR C 64 -18.52 -21.22 -9.10
CA TYR C 64 -19.74 -20.50 -9.45
C TYR C 64 -20.69 -21.36 -10.30
N ALA C 65 -20.14 -22.04 -11.30
CA ALA C 65 -20.92 -22.93 -12.14
C ALA C 65 -21.56 -24.04 -11.33
N ARG C 66 -20.88 -24.57 -10.32
CA ARG C 66 -21.45 -25.65 -9.52
C ARG C 66 -22.54 -25.17 -8.56
N GLU C 67 -22.62 -23.86 -8.36
CA GLU C 67 -23.61 -23.32 -7.45
C GLU C 67 -24.66 -22.45 -8.14
N SER C 68 -24.77 -22.53 -9.45
CA SER C 68 -25.64 -21.63 -10.18
C SER C 68 -26.14 -22.30 -11.43
N GLU C 69 -27.01 -21.58 -12.14
N GLU C 69 -26.99 -21.57 -12.14
CA GLU C 69 -27.54 -22.00 -13.44
CA GLU C 69 -27.55 -22.04 -13.40
C GLU C 69 -26.49 -22.11 -14.53
C GLU C 69 -26.59 -21.92 -14.59
N TYR C 70 -25.38 -21.40 -14.38
CA TYR C 70 -24.42 -21.24 -15.47
C TYR C 70 -23.50 -22.43 -15.65
N THR C 71 -23.03 -22.59 -16.88
CA THR C 71 -21.97 -23.54 -17.20
C THR C 71 -20.63 -22.93 -16.78
N GLU C 72 -19.55 -23.71 -16.78
CA GLU C 72 -18.24 -23.17 -16.44
C GLU C 72 -17.83 -22.04 -17.39
N ASP C 73 -18.11 -22.19 -18.68
CA ASP C 73 -17.78 -21.13 -19.67
C ASP C 73 -18.56 -19.84 -19.41
N GLU C 74 -19.85 -19.98 -19.12
CA GLU C 74 -20.72 -18.84 -18.84
C GLU C 74 -20.30 -18.16 -17.56
N ALA C 75 -19.98 -18.95 -16.54
CA ALA C 75 -19.55 -18.40 -15.26
C ALA C 75 -18.23 -17.63 -15.43
N LEU C 76 -17.30 -18.18 -16.18
CA LEU C 76 -16.02 -17.50 -16.44
C LEU C 76 -16.26 -16.20 -17.20
N GLU C 77 -17.15 -16.21 -18.20
CA GLU C 77 -17.46 -14.97 -18.93
C GLU C 77 -17.97 -13.87 -17.96
N ARG C 78 -18.86 -14.25 -17.05
CA ARG C 78 -19.41 -13.31 -16.09
C ARG C 78 -18.35 -12.76 -15.14
N ILE C 79 -17.50 -13.65 -14.63
CA ILE C 79 -16.44 -13.23 -13.72
C ILE C 79 -15.47 -12.31 -14.44
N VAL C 80 -15.07 -12.68 -15.64
CA VAL C 80 -14.10 -11.86 -16.38
C VAL C 80 -14.72 -10.49 -16.74
N GLU C 81 -15.98 -10.50 -17.18
CA GLU C 81 -16.69 -9.25 -17.48
C GLU C 81 -16.73 -8.32 -16.26
N PHE C 83 -14.82 -8.32 -13.58
CA PHE C 83 -13.43 -7.93 -13.29
C PHE C 83 -12.98 -6.80 -14.20
N GLU C 84 -13.10 -6.98 -15.50
CA GLU C 84 -12.60 -5.96 -16.43
C GLU C 84 -13.41 -4.66 -16.40
N ALA C 85 -14.71 -4.78 -16.12
CA ALA C 85 -15.58 -3.61 -16.02
C ALA C 85 -15.16 -2.72 -14.86
N GLU C 86 -14.85 -3.34 -13.73
CA GLU C 86 -14.42 -2.60 -12.54
C GLU C 86 -13.05 -1.97 -12.73
N LEU C 87 -12.16 -2.64 -13.45
CA LEU C 87 -10.85 -2.07 -13.73
C LEU C 87 -10.94 -0.86 -14.64
N SER C 88 -11.80 -0.92 -15.64
CA SER C 88 -11.82 0.15 -16.67
C SER C 88 -12.64 1.34 -16.21
N ARG C 89 -13.71 1.08 -15.45
CA ARG C 89 -14.57 2.16 -14.93
C ARG C 89 -14.77 1.92 -13.44
N PRO C 90 -13.80 2.36 -12.64
CA PRO C 90 -13.85 2.07 -11.23
C PRO C 90 -15.07 2.67 -10.56
N THR C 91 -15.70 1.87 -9.70
CA THR C 91 -16.77 2.33 -8.86
C THR C 91 -16.25 2.55 -7.44
N ASP C 92 -14.99 2.17 -7.21
CA ASP C 92 -14.31 2.25 -5.90
C ASP C 92 -15.25 1.97 -4.73
N GLY C 94 -11.16 2.25 -4.19
CA GLY C 94 -10.04 1.32 -4.08
C GLY C 94 -9.80 0.76 -2.69
N ALA C 95 -8.79 -0.11 -2.58
CA ALA C 95 -8.41 -0.68 -1.30
C ALA C 95 -7.68 0.36 -0.44
N THR C 96 -7.71 0.17 0.88
CA THR C 96 -6.76 0.81 1.77
C THR C 96 -5.49 -0.05 1.87
N THR C 97 -4.32 0.57 1.78
N THR C 97 -4.33 0.55 1.72
CA THR C 97 -3.05 -0.16 1.79
CA THR C 97 -3.07 -0.18 1.82
C THR C 97 -2.18 0.30 2.97
C THR C 97 -2.37 0.25 3.11
N GLU C 98 -1.62 -0.68 3.69
CA GLU C 98 -0.84 -0.43 4.88
C GLU C 98 0.53 -1.04 4.65
N ARG C 99 1.54 -0.26 5.00
CA ARG C 99 2.92 -0.65 4.86
C ARG C 99 3.64 -0.42 6.20
N THR C 100 4.42 -1.37 6.66
CA THR C 100 5.27 -1.15 7.83
C THR C 100 6.71 -1.13 7.33
N GLN C 101 7.48 -0.16 7.81
CA GLN C 101 8.86 0.09 7.34
C GLN C 101 9.79 0.32 8.52
N THR D 5 -19.45 18.90 1.80
CA THR D 5 -19.26 20.37 1.64
C THR D 5 -18.02 20.96 2.34
N GLY D 6 -17.24 20.12 3.03
CA GLY D 6 -16.09 20.58 3.79
C GLY D 6 -14.83 19.89 3.30
N PRO D 7 -13.69 20.14 3.97
CA PRO D 7 -12.38 19.62 3.60
C PRO D 7 -12.36 18.11 3.57
N LYS D 8 -11.61 17.55 2.62
CA LYS D 8 -11.48 16.10 2.53
C LYS D 8 -10.41 15.59 3.50
N GLN D 9 -10.83 15.16 4.68
CA GLN D 9 -9.87 14.80 5.75
C GLN D 9 -9.44 13.35 5.65
N GLN D 10 -8.28 13.06 6.24
CA GLN D 10 -7.85 11.71 6.49
C GLN D 10 -8.39 11.26 7.87
N PRO D 11 -8.80 10.00 7.97
CA PRO D 11 -9.15 9.49 9.29
C PRO D 11 -7.90 9.17 10.09
N LEU D 12 -8.07 8.90 11.37
CA LEU D 12 -6.99 8.45 12.20
C LEU D 12 -6.61 7.08 11.74
N PRO D 13 -5.32 6.81 11.65
CA PRO D 13 -4.94 5.39 11.60
C PRO D 13 -5.54 4.57 12.75
N PRO D 14 -5.93 3.31 12.49
CA PRO D 14 -6.47 2.47 13.58
C PRO D 14 -5.56 2.28 14.80
N ASP D 15 -4.23 2.26 14.60
CA ASP D 15 -3.32 2.10 15.74
C ASP D 15 -3.22 3.34 16.65
N VAL D 16 -3.75 4.49 16.22
CA VAL D 16 -3.76 5.62 17.14
C VAL D 16 -5.13 5.87 17.77
N GLU D 17 -6.19 5.27 17.24
CA GLU D 17 -7.52 5.43 17.84
C GLU D 17 -7.48 5.02 19.30
N GLY D 18 -8.00 5.87 20.17
CA GLY D 18 -8.06 5.56 21.59
C GLY D 18 -6.75 5.66 22.34
N ARG D 19 -5.67 6.05 21.66
CA ARG D 19 -4.36 6.15 22.30
C ARG D 19 -4.13 7.57 22.79
N GLU D 20 -4.41 7.81 24.08
CA GLU D 20 -4.31 9.15 24.63
C GLU D 20 -2.90 9.67 24.64
N ASP D 21 -1.94 8.74 24.58
CA ASP D 21 -0.53 9.08 24.57
C ASP D 21 0.03 9.35 23.17
N ALA D 22 -0.71 9.01 22.12
CA ALA D 22 -0.31 9.32 20.74
C ALA D 22 -0.45 10.82 20.49
N ILE D 23 0.50 11.39 19.74
CA ILE D 23 0.55 12.81 19.49
C ILE D 23 0.60 13.06 18.00
N GLU D 24 -0.29 13.93 17.50
CA GLU D 24 -0.25 14.31 16.10
C GLU D 24 0.86 15.30 15.89
N VAL D 25 1.83 14.92 15.08
CA VAL D 25 2.95 15.77 14.74
C VAL D 25 2.53 16.88 13.81
N LEU D 26 1.80 16.49 12.76
CA LEU D 26 1.29 17.45 11.80
C LEU D 26 0.17 16.89 10.97
N ARG D 27 -0.61 17.81 10.40
CA ARG D 27 -1.63 17.53 9.39
C ARG D 27 -1.34 18.51 8.29
N ALA D 28 -1.31 18.06 7.04
CA ALA D 28 -1.06 18.97 5.91
C ALA D 28 -2.16 18.88 4.87
N PHE D 29 -2.65 20.03 4.40
CA PHE D 29 -3.70 20.13 3.38
C PHE D 29 -3.18 20.83 2.14
N VAL D 30 -3.56 20.33 0.97
CA VAL D 30 -3.29 21.05 -0.26
C VAL D 30 -4.52 21.91 -0.55
N LEU D 31 -4.28 23.19 -0.83
CA LEU D 31 -5.34 24.20 -1.00
C LEU D 31 -4.76 25.33 -1.82
N ASP D 32 -5.49 25.80 -2.83
CA ASP D 32 -5.07 26.97 -3.63
C ASP D 32 -3.66 26.81 -4.21
N GLY D 33 -3.32 25.59 -4.61
CA GLY D 33 -2.00 25.26 -5.14
C GLY D 33 -0.82 25.31 -4.16
N GLY D 34 -1.11 25.44 -2.87
CA GLY D 34 -0.11 25.47 -1.82
C GLY D 34 -0.43 24.47 -0.73
N LEU D 35 0.23 24.61 0.41
CA LEU D 35 0.12 23.70 1.53
C LEU D 35 -0.13 24.43 2.82
N SER D 36 -1.18 24.05 3.51
CA SER D 36 -1.49 24.59 4.81
C SER D 36 -1.25 23.49 5.83
N ILE D 37 -0.30 23.73 6.74
CA ILE D 37 0.14 22.68 7.68
C ILE D 37 -0.09 23.10 9.12
N ALA D 38 -0.72 22.23 9.90
CA ALA D 38 -0.82 22.39 11.35
C ALA D 38 0.26 21.55 12.00
N PHE D 39 1.15 22.18 12.76
CA PHE D 39 2.20 21.46 13.47
C PHE D 39 1.93 21.43 14.97
N ARG D 41 2.93 21.89 18.84
CA ARG D 41 3.68 22.97 19.46
C ARG D 41 5.01 22.48 20.00
N ALA D 42 5.07 21.26 20.53
CA ALA D 42 6.29 20.78 21.18
C ALA D 42 7.30 20.29 20.15
N PHE D 43 8.58 20.39 20.46
CA PHE D 43 9.56 19.82 19.53
C PHE D 43 9.88 18.38 19.94
N ASP D 45 11.95 14.83 19.31
N ASP D 45 12.29 15.71 19.87
CA ASP D 45 13.36 14.62 19.07
CA ASP D 45 13.52 15.04 19.35
C ASP D 45 13.65 15.00 17.64
C ASP D 45 13.65 15.15 17.83
N PRO D 46 14.82 15.61 17.36
CA PRO D 46 15.09 15.87 15.96
C PRO D 46 15.05 14.61 15.08
N GLU D 47 15.39 13.45 15.61
CA GLU D 47 15.44 12.22 14.81
C GLU D 47 14.07 11.87 14.28
N TRP D 49 11.82 13.90 13.30
CA TRP D 49 11.59 14.75 12.14
C TRP D 49 12.37 14.23 10.92
N GLY D 50 13.58 13.75 11.15
CA GLY D 50 14.38 13.07 10.13
C GLY D 50 13.65 11.88 9.54
N LEU D 51 13.12 11.03 10.42
CA LEU D 51 12.39 9.85 10.01
C LEU D 51 11.13 10.20 9.23
N LEU D 52 10.39 11.19 9.73
CA LEU D 52 9.20 11.66 9.03
C LEU D 52 9.53 12.11 7.60
N LEU D 53 10.62 12.85 7.44
CA LEU D 53 11.08 13.29 6.13
C LEU D 53 11.40 12.12 5.23
N VAL D 54 12.08 11.12 5.77
CA VAL D 54 12.37 9.92 4.97
C VAL D 54 11.10 9.22 4.54
N ASP D 55 10.17 9.04 5.46
CA ASP D 55 8.91 8.35 5.17
C ASP D 55 8.13 9.06 4.06
N ILE D 56 8.04 10.39 4.15
CA ILE D 56 7.41 11.19 3.12
C ILE D 56 8.11 11.08 1.77
N ALA D 57 9.44 11.18 1.78
CA ALA D 57 10.21 11.09 0.53
C ALA D 57 10.01 9.73 -0.15
N ARG D 58 10.05 8.66 0.64
N ARG D 58 10.02 8.63 0.60
CA ARG D 58 9.85 7.28 0.17
CA ARG D 58 9.85 7.32 0.01
C ARG D 58 8.44 7.13 -0.45
C ARG D 58 8.41 7.11 -0.48
N HIS D 59 7.44 7.62 0.26
CA HIS D 59 6.05 7.60 -0.23
C HIS D 59 5.92 8.42 -1.52
N ALA D 60 6.48 9.63 -1.54
CA ALA D 60 6.46 10.46 -2.74
C ALA D 60 7.09 9.75 -3.94
N ALA D 61 8.19 9.03 -3.72
CA ALA D 61 8.91 8.33 -4.81
C ALA D 61 8.03 7.24 -5.39
N ARG D 62 7.38 6.49 -4.52
CA ARG D 62 6.48 5.41 -4.99
C ARG D 62 5.31 5.99 -5.81
N SER D 63 4.74 7.09 -5.31
CA SER D 63 3.62 7.73 -5.99
C SER D 63 4.06 8.34 -7.33
N TYR D 64 5.25 8.94 -7.34
CA TYR D 64 5.78 9.55 -8.56
C TYR D 64 6.04 8.50 -9.64
N ALA D 65 6.62 7.36 -9.26
CA ALA D 65 6.85 6.28 -10.18
C ALA D 65 5.55 5.74 -10.80
N ARG D 66 4.47 5.71 -10.03
CA ARG D 66 3.18 5.28 -10.52
C ARG D 66 2.58 6.21 -11.56
N GLU D 67 3.07 7.44 -11.60
CA GLU D 67 2.50 8.43 -12.50
C GLU D 67 3.50 8.97 -13.49
N SER D 68 4.61 8.27 -13.73
CA SER D 68 5.68 8.77 -14.59
C SER D 68 6.47 7.65 -15.22
N GLU D 69 7.42 8.05 -16.06
N GLU D 69 7.43 8.01 -16.07
CA GLU D 69 8.36 7.16 -16.70
CA GLU D 69 8.33 7.04 -16.69
C GLU D 69 9.47 6.63 -15.77
C GLU D 69 9.43 6.55 -15.74
N TYR D 70 9.52 7.13 -14.55
CA TYR D 70 10.59 6.79 -13.59
C TYR D 70 10.26 5.55 -12.77
N THR D 71 11.29 4.77 -12.48
CA THR D 71 11.18 3.74 -11.48
C THR D 71 11.14 4.40 -10.10
N GLU D 72 10.77 3.65 -9.09
CA GLU D 72 10.75 4.19 -7.74
C GLU D 72 12.16 4.67 -7.31
N ASP D 73 13.18 3.89 -7.65
CA ASP D 73 14.56 4.28 -7.32
C ASP D 73 14.97 5.60 -8.00
N GLU D 74 14.63 5.73 -9.28
CA GLU D 74 14.88 6.96 -10.02
C GLU D 74 14.09 8.14 -9.44
N ALA D 75 12.83 7.91 -9.13
CA ALA D 75 11.97 8.91 -8.54
C ALA D 75 12.53 9.40 -7.20
N LEU D 76 12.96 8.47 -6.36
CA LEU D 76 13.52 8.83 -5.07
C LEU D 76 14.76 9.72 -5.24
N GLU D 77 15.66 9.36 -6.16
CA GLU D 77 16.85 10.21 -6.43
C GLU D 77 16.42 11.62 -6.83
N ARG D 78 15.42 11.73 -7.69
CA ARG D 78 14.92 13.03 -8.13
C ARG D 78 14.31 13.87 -6.98
N ILE D 79 13.50 13.23 -6.15
CA ILE D 79 12.85 13.92 -5.06
C ILE D 79 13.90 14.39 -4.04
N VAL D 80 14.85 13.52 -3.70
CA VAL D 80 15.88 13.89 -2.70
C VAL D 80 16.77 15.01 -3.25
N GLU D 81 17.12 14.93 -4.53
CA GLU D 81 17.95 15.98 -5.15
C GLU D 81 17.24 17.32 -5.08
N PHE D 83 14.77 18.28 -3.06
CA PHE D 83 14.68 18.67 -1.65
C PHE D 83 15.98 19.32 -1.16
N GLU D 84 17.09 18.63 -1.34
CA GLU D 84 18.37 19.12 -0.84
C GLU D 84 18.83 20.38 -1.57
N ALA D 85 18.60 20.42 -2.88
CA ALA D 85 18.94 21.62 -3.65
C ALA D 85 18.18 22.83 -3.13
N GLU D 86 16.90 22.68 -2.84
CA GLU D 86 16.13 23.83 -2.34
C GLU D 86 16.61 24.27 -0.95
N LEU D 87 16.91 23.31 -0.09
CA LEU D 87 17.45 23.63 1.24
C LEU D 87 18.79 24.35 1.18
N SER D 88 19.63 24.00 0.21
CA SER D 88 20.94 24.68 0.10
C SER D 88 20.85 26.01 -0.64
N ARG D 89 19.73 26.29 -1.31
CA ARG D 89 19.56 27.55 -2.08
C ARG D 89 19.38 28.76 -1.18
#